data_4BAR
#
_entry.id   4BAR
#
_cell.length_a   57.852
_cell.length_b   57.852
_cell.length_c   150.215
_cell.angle_alpha   90.00
_cell.angle_beta   90.00
_cell.angle_gamma   90.00
#
_symmetry.space_group_name_H-M   'P 41 21 2'
#
loop_
_entity.id
_entity.type
_entity.pdbx_description
1 polymer THAUMATIN-1
2 non-polymer '4-(4-(2-hydroxyethyl)-1H-1,2,3-triazol-1-yl)pyridine-2,6-dicarboxylic acid'
3 non-polymer 'EUROPIUM (III) ION'
4 water water
#
_entity_poly.entity_id   1
_entity_poly.type   'polypeptide(L)'
_entity_poly.pdbx_seq_one_letter_code
;ATFEIVNRCSYTVWAAASKGDAALDAGGRQLNSGESWTINVEPGTNGGKIWARTDCYFDDSGSGICKTGDCGGLLRCKRF
GRPPTTLAEFSLNQYGKDYIDISNIKGFNVPMNFSPTTRGCRGVRCAADIVGQCPAKLKAPGGGCNDACTVFQTSEYCCT
TGKCGPTEYSRFFKRLCPDAFSYVLDKPTTVTCPGSSNYRVTFCPTA
;
_entity_poly.pdbx_strand_id   A
#
loop_
_chem_comp.id
_chem_comp.type
_chem_comp.name
_chem_comp.formula
EU3 non-polymer 'EUROPIUM (III) ION' 'Eu 3'
IKX non-polymer '4-(4-(2-hydroxyethyl)-1H-1,2,3-triazol-1-yl)pyridine-2,6-dicarboxylic acid' 'C11 H12 N4 O5'
#
# COMPACT_ATOMS: atom_id res chain seq x y z
N ALA A 1 16.04 4.08 8.31
CA ALA A 1 14.74 4.48 8.90
C ALA A 1 14.01 3.26 9.42
N THR A 2 13.30 3.39 10.53
CA THR A 2 12.52 2.25 11.00
C THR A 2 11.06 2.44 10.61
N PHE A 3 10.47 1.33 10.20
CA PHE A 3 9.03 1.25 9.94
C PHE A 3 8.49 0.14 10.79
N GLU A 4 7.66 0.49 11.79
CA GLU A 4 7.00 -0.51 12.59
C GLU A 4 5.69 -0.85 11.88
N ILE A 5 5.53 -2.11 11.48
CA ILE A 5 4.36 -2.55 10.72
C ILE A 5 3.50 -3.35 11.71
N VAL A 6 2.27 -2.90 11.94
CA VAL A 6 1.40 -3.43 12.97
C VAL A 6 0.13 -3.93 12.36
N ASN A 7 -0.23 -5.19 12.64
CA ASN A 7 -1.49 -5.72 12.14
C ASN A 7 -2.56 -5.65 13.22
N ARG A 8 -3.46 -4.66 13.12
CA ARG A 8 -4.58 -4.57 14.05
C ARG A 8 -5.82 -5.29 13.47
N CYS A 9 -5.70 -5.88 12.29
CA CYS A 9 -6.83 -6.64 11.75
C CYS A 9 -7.10 -7.87 12.58
N SER A 10 -8.33 -8.37 12.49
CA SER A 10 -8.70 -9.61 13.18
C SER A 10 -8.19 -10.85 12.44
N TYR A 11 -7.67 -10.66 11.23
CA TYR A 11 -7.16 -11.73 10.39
C TYR A 11 -5.66 -11.54 10.21
N THR A 12 -4.98 -12.64 9.89
CA THR A 12 -3.57 -12.61 9.56
C THR A 12 -3.34 -11.85 8.26
N VAL A 13 -2.25 -11.10 8.19
CA VAL A 13 -1.82 -10.55 6.92
C VAL A 13 -0.35 -10.92 6.75
N TRP A 14 0.12 -10.88 5.52
CA TRP A 14 1.53 -11.06 5.23
C TRP A 14 2.03 -9.73 4.71
N ALA A 15 2.72 -8.98 5.58
CA ALA A 15 3.23 -7.69 5.18
C ALA A 15 4.27 -7.87 4.09
N ALA A 16 4.40 -6.84 3.24
CA ALA A 16 5.36 -6.82 2.15
C ALA A 16 5.99 -5.45 2.09
N ALA A 17 7.27 -5.41 1.69
CA ALA A 17 8.00 -4.13 1.62
C ALA A 17 9.02 -4.26 0.48
N SER A 18 8.89 -3.39 -0.54
CA SER A 18 9.73 -3.48 -1.72
C SER A 18 9.89 -2.11 -2.32
N LYS A 19 10.93 -1.92 -3.12
CA LYS A 19 11.03 -0.74 -3.97
C LYS A 19 10.93 -1.13 -5.46
N GLY A 20 10.43 -2.34 -5.74
CA GLY A 20 10.06 -2.70 -7.10
C GLY A 20 11.13 -3.55 -7.75
N ASP A 21 12.39 -3.25 -7.48
CA ASP A 21 13.50 -4.05 -8.03
C ASP A 21 14.34 -4.65 -6.92
N ALA A 22 13.85 -4.58 -5.69
CA ALA A 22 14.54 -5.14 -4.53
C ALA A 22 13.59 -5.16 -3.35
N ALA A 23 13.80 -6.10 -2.43
CA ALA A 23 13.17 -6.12 -1.14
C ALA A 23 13.65 -4.93 -0.32
N LEU A 24 12.79 -4.45 0.56
CA LEU A 24 13.23 -3.64 1.68
C LEU A 24 13.32 -4.53 2.91
N ASP A 25 14.45 -4.51 3.61
CA ASP A 25 14.65 -5.43 4.73
C ASP A 25 14.41 -6.86 4.18
N ALA A 26 13.72 -7.72 4.93
CA ALA A 26 13.51 -9.09 4.46
C ALA A 26 12.47 -9.14 3.33
N GLY A 27 11.72 -8.06 3.07
CA GLY A 27 10.76 -8.04 1.98
C GLY A 27 9.36 -8.50 2.36
N GLY A 28 9.20 -9.36 3.37
CA GLY A 28 7.88 -9.77 3.76
C GLY A 28 7.94 -10.66 4.98
N ARG A 29 6.79 -10.77 5.66
CA ARG A 29 6.69 -11.57 6.89
C ARG A 29 5.22 -11.75 7.23
N GLN A 30 4.90 -12.87 7.87
CA GLN A 30 3.57 -13.08 8.42
C GLN A 30 3.38 -12.22 9.67
N LEU A 31 2.19 -11.59 9.76
CA LEU A 31 1.78 -10.85 10.95
C LEU A 31 0.42 -11.36 11.37
N ASN A 32 0.39 -12.16 12.45
CA ASN A 32 -0.91 -12.54 12.97
C ASN A 32 -1.58 -11.31 13.59
N SER A 33 -2.88 -11.42 13.89
CA SER A 33 -3.63 -10.34 14.49
C SER A 33 -2.94 -9.86 15.79
N GLY A 34 -2.58 -8.58 15.79
CA GLY A 34 -1.93 -7.92 16.90
C GLY A 34 -0.42 -7.84 16.81
N GLU A 35 0.19 -8.60 15.90
CA GLU A 35 1.65 -8.63 15.83
C GLU A 35 2.22 -7.38 15.20
N SER A 36 3.46 -7.08 15.59
CA SER A 36 4.25 -5.96 15.09
C SER A 36 5.57 -6.47 14.56
N TRP A 37 5.99 -5.94 13.40
CA TRP A 37 7.24 -6.28 12.75
C TRP A 37 7.94 -4.99 12.40
N THR A 38 9.15 -4.78 12.92
CA THR A 38 9.86 -3.54 12.63
C THR A 38 10.96 -3.80 11.62
N ILE A 39 10.90 -3.07 10.53
CA ILE A 39 11.91 -3.19 9.48
C ILE A 39 12.78 -1.94 9.42
N ASN A 40 13.94 -2.11 8.83
CA ASN A 40 14.88 -1.04 8.53
C ASN A 40 14.91 -0.80 7.05
N VAL A 41 14.64 0.44 6.66
CA VAL A 41 14.64 0.85 5.27
C VAL A 41 15.85 1.78 5.08
N GLU A 42 16.67 1.51 4.06
CA GLU A 42 17.87 2.34 3.88
C GLU A 42 17.52 3.80 3.59
N PRO A 43 18.25 4.74 4.18
CA PRO A 43 18.08 6.14 3.76
C PRO A 43 18.24 6.31 2.25
N GLY A 44 17.49 7.25 1.70
CA GLY A 44 17.53 7.51 0.27
C GLY A 44 16.65 6.60 -0.55
N THR A 45 15.94 5.66 0.10
CA THR A 45 15.07 4.78 -0.65
C THR A 45 14.01 5.60 -1.38
N ASN A 46 13.93 5.43 -2.70
CA ASN A 46 13.01 6.16 -3.51
C ASN A 46 11.95 5.20 -4.06
N GLY A 47 10.67 5.57 -3.96
CA GLY A 47 9.64 4.70 -4.52
C GLY A 47 9.46 3.41 -3.74
N GLY A 48 9.62 3.45 -2.42
CA GLY A 48 9.31 2.28 -1.62
C GLY A 48 7.83 2.13 -1.39
N LYS A 49 7.39 0.89 -1.16
CA LYS A 49 5.99 0.61 -0.84
C LYS A 49 5.93 -0.47 0.22
N ILE A 50 4.91 -0.35 1.08
CA ILE A 50 4.54 -1.39 2.02
C ILE A 50 3.05 -1.67 1.80
N TRP A 51 2.70 -2.95 1.85
CA TRP A 51 1.30 -3.36 1.67
C TRP A 51 1.06 -4.63 2.47
N ALA A 52 -0.22 -4.95 2.62
CA ALA A 52 -0.64 -6.21 3.21
C ALA A 52 -1.02 -7.16 2.08
N ARG A 53 -0.82 -8.44 2.34
CA ARG A 53 -1.28 -9.52 1.49
C ARG A 53 -2.23 -10.40 2.33
N THR A 54 -3.29 -10.87 1.71
CA THR A 54 -4.26 -11.69 2.39
C THR A 54 -4.39 -13.07 1.81
N ASP A 55 -4.78 -14.01 2.67
CA ASP A 55 -5.11 -15.40 2.26
C ASP A 55 -3.94 -16.02 1.54
N CYS A 56 -2.80 -16.06 2.22
CA CYS A 56 -1.57 -16.61 1.66
C CYS A 56 -1.31 -18.03 2.14
N TYR A 57 -0.57 -18.76 1.31
CA TYR A 57 0.01 -20.05 1.65
C TYR A 57 1.47 -20.00 1.20
N PHE A 58 2.39 -20.37 2.09
CA PHE A 58 3.82 -20.49 1.74
C PHE A 58 4.35 -21.78 2.24
N ASP A 59 5.19 -22.42 1.42
CA ASP A 59 5.84 -23.65 1.82
C ASP A 59 7.08 -23.32 2.66
N ASP A 60 7.81 -24.36 3.07
CA ASP A 60 8.98 -24.16 3.92
C ASP A 60 10.13 -23.37 3.28
N SER A 61 10.10 -23.22 1.96
CA SER A 61 11.12 -22.45 1.26
C SER A 61 10.69 -21.00 1.03
N GLY A 62 9.49 -20.64 1.46
CA GLY A 62 8.98 -19.28 1.24
C GLY A 62 8.36 -19.01 -0.11
N SER A 63 7.88 -20.08 -0.76
CA SER A 63 7.23 -19.94 -2.05
C SER A 63 5.78 -20.34 -1.91
N GLY A 64 4.90 -19.62 -2.59
CA GLY A 64 3.51 -19.94 -2.46
C GLY A 64 2.63 -18.96 -3.24
N ILE A 65 1.52 -18.55 -2.64
CA ILE A 65 0.54 -17.68 -3.30
C ILE A 65 -0.25 -16.90 -2.27
N CYS A 66 -0.66 -15.70 -2.65
CA CYS A 66 -1.62 -14.90 -1.87
C CYS A 66 -2.75 -14.45 -2.77
N LYS A 67 -3.92 -14.27 -2.20
CA LYS A 67 -5.05 -13.81 -2.99
C LYS A 67 -5.07 -12.33 -3.31
N THR A 68 -4.46 -11.53 -2.44
CA THR A 68 -4.23 -10.14 -2.78
C THR A 68 -2.77 -9.84 -2.54
N GLY A 69 -2.19 -9.00 -3.40
CA GLY A 69 -0.86 -8.51 -3.20
C GLY A 69 0.29 -9.46 -3.41
N ASP A 70 0.06 -10.61 -4.06
CA ASP A 70 1.10 -11.61 -4.26
C ASP A 70 2.25 -10.96 -5.07
N CYS A 71 3.49 -11.21 -4.64
CA CYS A 71 4.68 -10.67 -5.32
C CYS A 71 5.47 -11.84 -5.92
N GLY A 72 5.01 -12.35 -7.06
CA GLY A 72 5.71 -13.46 -7.72
C GLY A 72 5.82 -14.71 -6.86
N GLY A 73 4.85 -14.91 -5.98
CA GLY A 73 4.80 -16.12 -5.17
C GLY A 73 5.79 -16.19 -4.02
N LEU A 74 6.44 -15.08 -3.66
CA LEU A 74 7.47 -15.13 -2.64
C LEU A 74 6.93 -14.62 -1.31
N LEU A 75 7.31 -15.25 -0.20
CA LEU A 75 7.07 -14.66 1.11
C LEU A 75 7.85 -13.34 1.23
N ARG A 76 9.11 -13.38 0.81
CA ARG A 76 9.98 -12.24 0.93
CA ARG A 76 10.02 -12.26 0.91
C ARG A 76 9.99 -11.49 -0.40
N CYS A 77 9.15 -10.46 -0.47
CA CYS A 77 8.95 -9.77 -1.75
C CYS A 77 10.16 -9.00 -2.23
N LYS A 78 10.47 -9.17 -3.52
CA LYS A 78 11.46 -8.40 -4.25
CA LYS A 78 11.46 -8.36 -4.19
C LYS A 78 10.79 -7.44 -5.23
N ARG A 79 9.59 -7.81 -5.67
CA ARG A 79 8.83 -7.06 -6.67
CA ARG A 79 8.85 -7.06 -6.65
C ARG A 79 7.58 -6.51 -5.98
N PHE A 80 6.84 -5.67 -6.70
CA PHE A 80 5.59 -5.17 -6.19
C PHE A 80 4.49 -6.22 -6.27
N GLY A 81 3.40 -5.97 -5.56
CA GLY A 81 2.34 -6.95 -5.43
C GLY A 81 1.22 -6.81 -6.42
N ARG A 82 0.56 -7.92 -6.66
CA ARG A 82 -0.55 -7.99 -7.58
C ARG A 82 -1.76 -7.23 -7.01
N PRO A 83 -2.38 -6.31 -7.78
CA PRO A 83 -3.58 -5.62 -7.28
C PRO A 83 -4.69 -6.63 -6.98
N PRO A 84 -5.62 -6.30 -6.08
CA PRO A 84 -5.75 -5.02 -5.39
C PRO A 84 -4.90 -4.93 -4.15
N THR A 85 -4.23 -3.78 -4.01
CA THR A 85 -3.38 -3.56 -2.84
C THR A 85 -3.46 -2.12 -2.38
N THR A 86 -3.90 -1.87 -1.15
CA THR A 86 -3.77 -0.53 -0.59
C THR A 86 -2.27 -0.29 -0.38
N LEU A 87 -1.75 0.88 -0.77
CA LEU A 87 -0.29 1.08 -0.76
C LEU A 87 0.12 2.21 0.17
N ALA A 88 1.06 1.90 1.08
CA ALA A 88 1.80 2.93 1.79
C ALA A 88 3.05 3.22 0.96
N GLU A 89 3.24 4.46 0.52
CA GLU A 89 4.29 4.81 -0.43
C GLU A 89 5.18 5.85 0.16
N PHE A 90 6.48 5.74 -0.11
CA PHE A 90 7.42 6.68 0.52
C PHE A 90 8.69 6.82 -0.30
N SER A 91 9.25 8.02 -0.25
CA SER A 91 10.58 8.27 -0.79
C SER A 91 11.30 9.07 0.29
N LEU A 92 12.47 8.59 0.68
CA LEU A 92 13.15 9.08 1.89
C LEU A 92 14.38 9.88 1.49
N ASN A 93 14.68 10.92 2.26
CA ASN A 93 15.94 11.69 2.05
C ASN A 93 16.04 12.17 0.61
N GLN A 94 14.96 12.81 0.17
CA GLN A 94 14.93 13.43 -1.14
C GLN A 94 15.19 14.92 -0.95
N TYR A 95 16.44 15.34 -1.20
CA TYR A 95 16.83 16.74 -0.96
C TYR A 95 16.42 17.21 0.42
N GLY A 96 16.66 16.37 1.41
CA GLY A 96 16.52 16.81 2.77
C GLY A 96 15.19 16.48 3.45
N LYS A 97 14.24 15.95 2.67
CA LYS A 97 12.90 15.65 3.22
C LYS A 97 12.48 14.24 2.85
N ASP A 98 11.49 13.73 3.59
CA ASP A 98 10.84 12.47 3.25
C ASP A 98 9.44 12.80 2.72
N TYR A 99 8.91 11.94 1.86
CA TYR A 99 7.57 12.16 1.29
C TYR A 99 6.79 10.87 1.42
N ILE A 100 5.58 10.96 2.00
CA ILE A 100 4.76 9.78 2.22
C ILE A 100 3.34 9.99 1.70
N ASP A 101 2.70 8.88 1.33
CA ASP A 101 1.29 8.94 0.92
C ASP A 101 0.68 7.56 1.05
N ILE A 102 -0.65 7.52 0.96
CA ILE A 102 -1.37 6.28 0.70
C ILE A 102 -1.99 6.38 -0.68
N SER A 103 -1.98 5.26 -1.40
CA SER A 103 -2.55 5.23 -2.73
C SER A 103 -3.52 4.07 -2.89
N ASN A 104 -4.62 4.37 -3.59
CA ASN A 104 -5.61 3.42 -4.09
C ASN A 104 -5.50 3.23 -5.60
N ILE A 105 -4.42 3.72 -6.22
CA ILE A 105 -4.26 3.61 -7.67
C ILE A 105 -4.19 2.16 -8.14
N LYS A 106 -3.70 1.27 -7.26
CA LYS A 106 -3.62 -0.17 -7.51
C LYS A 106 -4.68 -0.90 -6.70
N GLY A 107 -5.79 -0.21 -6.40
CA GLY A 107 -6.90 -0.81 -5.70
C GLY A 107 -6.70 -0.82 -4.20
N PHE A 108 -7.61 -1.50 -3.51
CA PHE A 108 -7.66 -1.51 -2.07
C PHE A 108 -7.95 -2.93 -1.61
N ASN A 109 -7.20 -3.41 -0.61
CA ASN A 109 -7.48 -4.70 -0.01
C ASN A 109 -7.71 -4.61 1.49
N VAL A 110 -6.86 -3.87 2.21
CA VAL A 110 -6.87 -3.81 3.66
C VAL A 110 -6.76 -2.33 4.04
N PRO A 111 -7.55 -1.88 5.04
CA PRO A 111 -7.42 -0.49 5.50
C PRO A 111 -6.07 -0.23 6.16
N MET A 112 -5.60 1.01 6.09
CA MET A 112 -4.29 1.31 6.63
C MET A 112 -4.18 2.74 7.11
N ASN A 113 -3.35 2.90 8.15
CA ASN A 113 -2.84 4.20 8.60
C ASN A 113 -1.34 4.18 8.39
N PHE A 114 -0.80 5.29 7.89
CA PHE A 114 0.65 5.43 7.68
C PHE A 114 1.05 6.75 8.31
N SER A 115 1.72 6.67 9.46
CA SER A 115 2.02 7.85 10.27
C SER A 115 3.47 7.89 10.68
N PRO A 116 4.02 9.09 10.81
CA PRO A 116 5.37 9.20 11.41
C PRO A 116 5.32 8.85 12.89
N THR A 117 6.40 8.29 13.41
CA THR A 117 6.55 8.07 14.85
C THR A 117 7.48 9.11 15.46
N THR A 118 7.96 10.02 14.63
CA THR A 118 8.86 11.10 15.03
C THR A 118 8.17 12.44 14.65
N ARG A 119 8.74 13.57 15.07
CA ARG A 119 8.03 14.84 14.96
C ARG A 119 8.03 15.49 13.59
N GLY A 120 7.13 16.44 13.39
CA GLY A 120 7.24 17.35 12.28
C GLY A 120 6.30 17.19 11.10
N CYS A 121 5.37 16.24 11.14
CA CYS A 121 4.38 16.06 10.07
C CYS A 121 3.24 15.16 10.55
N ARG A 122 2.19 15.14 9.77
CA ARG A 122 1.00 14.37 10.06
CA ARG A 122 1.02 14.37 10.08
C ARG A 122 1.08 13.01 9.36
N GLY A 123 0.20 12.10 9.76
CA GLY A 123 0.02 10.85 9.06
C GLY A 123 -1.14 10.94 8.08
N VAL A 124 -1.31 9.88 7.33
CA VAL A 124 -2.43 9.72 6.40
C VAL A 124 -3.11 8.38 6.66
N ARG A 125 -4.38 8.30 6.27
CA ARG A 125 -5.17 7.13 6.58
C ARG A 125 -6.20 6.87 5.50
N CYS A 126 -6.40 5.58 5.19
CA CYS A 126 -7.50 5.14 4.37
C CYS A 126 -8.07 3.93 5.04
N ALA A 127 -9.12 4.17 5.84
CA ALA A 127 -9.66 3.13 6.71
C ALA A 127 -11.13 2.84 6.53
N ALA A 128 -11.75 3.45 5.53
CA ALA A 128 -13.14 3.19 5.23
C ALA A 128 -13.33 1.80 4.67
N ASP A 129 -14.57 1.34 4.66
CA ASP A 129 -14.89 -0.02 4.19
C ASP A 129 -15.01 -0.06 2.65
N ILE A 130 -13.88 0.14 1.98
CA ILE A 130 -13.89 0.18 0.54
C ILE A 130 -14.27 -1.18 -0.05
N VAL A 131 -13.84 -2.29 0.57
CA VAL A 131 -14.22 -3.58 0.01
C VAL A 131 -15.74 -3.77 0.10
N GLY A 132 -16.33 -3.44 1.26
CA GLY A 132 -17.76 -3.64 1.40
C GLY A 132 -18.57 -2.76 0.46
N GLN A 133 -18.10 -1.54 0.20
CA GLN A 133 -18.84 -0.56 -0.62
C GLN A 133 -18.46 -0.60 -2.08
N CYS A 134 -17.49 -1.44 -2.45
CA CYS A 134 -16.89 -1.49 -3.78
C CYS A 134 -17.95 -1.56 -4.88
N PRO A 135 -17.84 -0.73 -5.94
CA PRO A 135 -18.73 -0.89 -7.12
C PRO A 135 -18.65 -2.31 -7.65
N ALA A 136 -19.78 -2.85 -8.10
CA ALA A 136 -19.83 -4.22 -8.57
C ALA A 136 -18.75 -4.55 -9.59
N LYS A 137 -18.52 -3.66 -10.56
CA LYS A 137 -17.59 -3.99 -11.63
C LYS A 137 -16.12 -3.98 -11.18
N LEU A 138 -15.84 -3.39 -10.02
CA LEU A 138 -14.46 -3.36 -9.51
C LEU A 138 -14.18 -4.46 -8.47
N LYS A 139 -15.21 -5.20 -8.06
CA LYS A 139 -14.99 -6.21 -7.03
C LYS A 139 -14.03 -7.28 -7.57
N ALA A 140 -13.00 -7.63 -6.81
CA ALA A 140 -12.08 -8.68 -7.28
C ALA A 140 -12.58 -10.01 -6.78
N PRO A 141 -12.83 -11.06 -7.66
CA PRO A 141 -13.35 -12.32 -7.12
C PRO A 141 -12.36 -12.96 -6.16
N GLY A 142 -11.08 -12.68 -6.31
CA GLY A 142 -10.08 -13.23 -5.39
C GLY A 142 -9.98 -12.48 -4.06
N GLY A 143 -10.74 -11.38 -3.93
CA GLY A 143 -10.76 -10.54 -2.73
C GLY A 143 -10.31 -9.10 -3.04
N GLY A 144 -10.90 -8.10 -2.36
CA GLY A 144 -10.55 -6.68 -2.53
C GLY A 144 -11.35 -5.91 -3.57
N CYS A 145 -10.96 -4.66 -3.81
CA CYS A 145 -11.62 -3.75 -4.74
C CYS A 145 -10.57 -3.25 -5.71
N ASN A 146 -10.65 -3.71 -6.96
CA ASN A 146 -9.69 -3.31 -7.96
C ASN A 146 -9.84 -1.85 -8.37
N ASP A 147 -8.71 -1.25 -8.77
CA ASP A 147 -8.79 0.02 -9.48
C ASP A 147 -9.29 -0.22 -10.91
N ALA A 148 -9.78 0.86 -11.53
CA ALA A 148 -10.34 0.76 -12.88
C ALA A 148 -9.29 0.47 -13.95
N CYS A 149 -8.05 0.88 -13.75
CA CYS A 149 -7.01 0.55 -14.71
C CYS A 149 -6.81 -0.95 -14.79
N THR A 150 -6.66 -1.60 -13.63
CA THR A 150 -6.54 -3.04 -13.57
C THR A 150 -7.69 -3.73 -14.29
N VAL A 151 -8.90 -3.26 -14.07
CA VAL A 151 -10.06 -3.94 -14.65
C VAL A 151 -10.22 -3.70 -16.14
N PHE A 152 -10.07 -2.46 -16.59
CA PHE A 152 -10.46 -2.07 -17.93
C PHE A 152 -9.33 -1.78 -18.90
N GLN A 153 -8.13 -1.47 -18.40
CA GLN A 153 -6.94 -1.31 -19.25
C GLN A 153 -7.16 -0.25 -20.35
N THR A 154 -7.67 0.91 -19.97
CA THR A 154 -7.81 2.02 -20.90
C THR A 154 -6.80 3.10 -20.61
N SER A 155 -6.50 3.90 -21.64
CA SER A 155 -5.60 5.03 -21.44
C SER A 155 -6.18 5.99 -20.39
N GLU A 156 -7.50 6.16 -20.37
CA GLU A 156 -8.09 7.11 -19.43
C GLU A 156 -7.89 6.65 -17.99
N TYR A 157 -8.13 5.38 -17.69
CA TYR A 157 -7.99 4.90 -16.31
C TYR A 157 -6.54 4.76 -15.89
N CYS A 158 -5.69 4.37 -16.84
CA CYS A 158 -4.30 4.09 -16.56
C CYS A 158 -3.42 5.33 -16.69
N CYS A 159 -4.00 6.44 -17.21
CA CYS A 159 -3.31 7.71 -17.41
C CYS A 159 -2.05 7.55 -18.24
N THR A 160 -2.18 6.70 -19.24
CA THR A 160 -1.06 6.23 -20.02
C THR A 160 -0.27 7.34 -20.62
N THR A 161 -0.95 8.36 -21.13
CA THR A 161 -0.23 9.43 -21.79
C THR A 161 0.07 10.63 -20.90
N GLY A 162 -0.27 10.53 -19.63
CA GLY A 162 -0.08 11.63 -18.71
C GLY A 162 -1.20 12.64 -18.80
N LYS A 163 -2.24 12.32 -19.55
CA LYS A 163 -3.42 13.12 -19.60
C LYS A 163 -4.55 12.17 -19.27
N CYS A 164 -5.29 12.50 -18.24
CA CYS A 164 -6.51 11.76 -17.83
C CYS A 164 -7.17 12.64 -16.81
N GLY A 165 -8.47 12.44 -16.66
CA GLY A 165 -9.22 13.10 -15.61
C GLY A 165 -9.70 12.10 -14.55
N PRO A 166 -10.37 12.63 -13.52
CA PRO A 166 -11.09 11.76 -12.58
C PRO A 166 -12.21 11.03 -13.32
N THR A 167 -12.67 9.93 -12.76
CA THR A 167 -13.63 9.07 -13.38
C THR A 167 -14.69 8.69 -12.34
N GLU A 168 -15.79 8.09 -12.76
CA GLU A 168 -16.75 7.62 -11.77
C GLU A 168 -16.07 6.64 -10.79
N TYR A 169 -15.18 5.79 -11.29
CA TYR A 169 -14.50 4.84 -10.43
C TYR A 169 -13.51 5.54 -9.49
N SER A 170 -12.70 6.48 -9.99
CA SER A 170 -11.75 7.15 -9.09
C SER A 170 -12.50 7.90 -8.01
N ARG A 171 -13.63 8.51 -8.39
CA ARG A 171 -14.40 9.30 -7.43
C ARG A 171 -14.93 8.44 -6.28
N PHE A 172 -15.21 7.17 -6.55
CA PHE A 172 -15.60 6.25 -5.48
C PHE A 172 -14.48 6.13 -4.44
N PHE A 173 -13.26 5.85 -4.90
CA PHE A 173 -12.15 5.73 -3.96
C PHE A 173 -11.92 7.05 -3.22
N LYS A 174 -12.07 8.18 -3.93
CA LYS A 174 -11.80 9.47 -3.34
C LYS A 174 -12.86 9.82 -2.29
N ARG A 175 -14.12 9.45 -2.56
CA ARG A 175 -15.19 9.71 -1.60
C ARG A 175 -14.98 8.90 -0.32
N LEU A 176 -14.61 7.64 -0.48
CA LEU A 176 -14.39 6.78 0.69
C LEU A 176 -13.11 7.19 1.43
N CYS A 177 -12.07 7.57 0.70
CA CYS A 177 -10.76 7.92 1.28
C CYS A 177 -10.22 9.18 0.63
N PRO A 178 -10.63 10.34 1.14
CA PRO A 178 -10.15 11.60 0.56
C PRO A 178 -8.63 11.77 0.64
N ASP A 179 -7.99 11.14 1.62
CA ASP A 179 -6.57 11.41 1.83
CA ASP A 179 -6.59 11.35 1.91
C ASP A 179 -5.67 10.39 1.19
N ALA A 180 -6.18 9.65 0.19
CA ALA A 180 -5.38 8.71 -0.60
C ALA A 180 -5.50 9.06 -2.08
N PHE A 181 -4.46 8.79 -2.85
CA PHE A 181 -4.54 8.98 -4.30
C PHE A 181 -5.58 8.05 -4.89
N SER A 182 -6.46 8.60 -5.73
CA SER A 182 -7.53 7.80 -6.34
C SER A 182 -7.29 7.50 -7.82
N TYR A 183 -6.38 8.24 -8.46
CA TYR A 183 -5.98 8.03 -9.84
C TYR A 183 -4.63 8.72 -9.98
N VAL A 184 -3.97 8.49 -11.10
CA VAL A 184 -2.58 8.91 -11.24
C VAL A 184 -2.42 10.43 -11.09
N LEU A 185 -3.35 11.19 -11.65
CA LEU A 185 -3.24 12.66 -11.65
C LEU A 185 -4.09 13.31 -10.59
N ASP A 186 -4.45 12.56 -9.55
CA ASP A 186 -5.22 13.13 -8.48
C ASP A 186 -4.45 14.30 -7.86
N LYS A 187 -5.17 15.26 -7.34
CA LYS A 187 -4.54 16.33 -6.55
C LYS A 187 -3.74 15.67 -5.43
N PRO A 188 -2.43 15.93 -5.34
CA PRO A 188 -1.64 15.11 -4.39
C PRO A 188 -2.06 15.23 -2.95
N THR A 189 -1.94 14.10 -2.26
CA THR A 189 -2.15 14.02 -0.83
C THR A 189 -0.87 13.53 -0.15
N THR A 190 0.25 13.83 -0.78
CA THR A 190 1.57 13.51 -0.24
C THR A 190 1.90 14.44 0.91
N VAL A 191 2.45 13.89 1.97
CA VAL A 191 2.86 14.65 3.14
C VAL A 191 4.37 14.75 3.14
N THR A 192 4.86 15.96 3.36
CA THR A 192 6.29 16.20 3.53
C THR A 192 6.69 16.03 4.99
N CYS A 193 7.64 15.14 5.25
CA CYS A 193 8.13 14.94 6.63
C CYS A 193 9.62 15.31 6.69
N PRO A 194 10.13 15.57 7.90
CA PRO A 194 11.57 15.79 8.02
C PRO A 194 12.35 14.63 7.43
N GLY A 195 13.49 14.92 6.82
CA GLY A 195 14.32 13.83 6.31
C GLY A 195 14.68 12.90 7.46
N SER A 196 14.72 11.60 7.16
CA SER A 196 15.07 10.60 8.18
C SER A 196 14.07 10.47 9.29
N SER A 197 12.81 10.74 9.01
CA SER A 197 11.76 10.38 9.94
C SER A 197 11.61 8.86 10.07
N ASN A 198 10.95 8.43 11.15
CA ASN A 198 10.58 7.01 11.28
C ASN A 198 9.07 6.91 11.26
N TYR A 199 8.54 5.69 11.03
CA TYR A 199 7.12 5.57 10.71
C TYR A 199 6.49 4.30 11.30
N ARG A 200 5.17 4.28 11.32
CA ARG A 200 4.38 3.11 11.65
C ARG A 200 3.31 2.96 10.58
N VAL A 201 3.19 1.74 10.06
CA VAL A 201 2.09 1.39 9.16
C VAL A 201 1.18 0.44 9.95
N THR A 202 -0.07 0.83 10.14
CA THR A 202 -1.01 0.01 10.92
C THR A 202 -2.11 -0.46 9.98
N PHE A 203 -2.26 -1.77 9.84
CA PHE A 203 -3.37 -2.34 9.10
C PHE A 203 -4.59 -2.39 10.01
N CYS A 204 -5.76 -2.08 9.45
CA CYS A 204 -7.02 -2.02 10.23
C CYS A 204 -6.91 -1.10 11.44
N PRO A 205 -6.54 0.15 11.22
CA PRO A 205 -6.35 1.06 12.36
C PRO A 205 -7.58 1.28 13.19
N THR A 206 -8.77 1.20 12.60
CA THR A 206 -10.01 1.43 13.34
C THR A 206 -10.80 0.10 13.42
N ALA A 207 -10.38 -0.84 12.58
CA ALA A 207 -10.95 -2.18 12.41
C ALA A 207 -10.24 -3.27 13.27
O1 IKX B . 6.44 -5.69 -9.79
C1 IKX B . 6.90 -6.17 -10.84
O2 IKX B . 6.47 -7.18 -11.26
C2 IKX B . 8.01 -5.46 -11.49
N1 IKX B . 8.38 -5.98 -12.62
C3 IKX B . 8.56 -4.31 -10.99
C4 IKX B . 9.57 -3.73 -11.72
C5 IKX B . 9.97 -4.31 -12.92
C6 IKX B . 9.34 -5.48 -13.34
C7 IKX B . 9.64 -6.20 -14.63
O4 IKX B . 10.53 -5.76 -15.39
O3 IKX B . 9.10 -7.21 -14.99
N2 IKX B . 10.14 -2.55 -11.21
C8 IKX B . 11.40 -2.02 -11.32
C9 IKX B . 11.39 -0.93 -10.62
C10 IKX B . 12.44 0.07 -10.33
N4 IKX B . 10.10 -0.73 -10.13
C11 IKX B . 12.74 1.15 -11.28
N3 IKX B . 9.38 -1.71 -10.47
O5 IKX B . 12.24 1.07 -12.53
O1 IKX C . 3.93 -5.71 -15.01
C1 IKX C . 4.64 -6.52 -14.45
O2 IKX C . 5.87 -6.30 -14.43
C2 IKX C . 4.00 -7.80 -13.96
N1 IKX C . 4.66 -8.71 -13.41
C3 IKX C . 2.65 -8.13 -14.14
C4 IKX C . 2.08 -9.38 -13.72
C5 IKX C . 2.91 -10.30 -13.10
C6 IKX C . 4.22 -9.87 -13.01
C7 IKX C . 5.21 -10.71 -12.42
O4 IKX C . 4.98 -11.81 -11.91
O3 IKX C . 6.32 -10.23 -12.47
N2 IKX C . 0.68 -9.71 -13.86
C8 IKX C . -0.42 -8.93 -14.05
C9 IKX C . -1.46 -9.69 -14.06
C10 IKX C . -2.91 -9.37 -14.28
N4 IKX C . -1.01 -11.03 -13.89
C11 IKX C . -3.67 -8.75 -13.18
N3 IKX C . 0.25 -10.98 -13.76
O5 IKX C . -2.94 -8.21 -12.17
O1 IKX D . 6.55 -10.75 -17.18
C1 IKX D . 7.01 -10.22 -16.16
O2 IKX D . 6.47 -9.26 -15.71
C2 IKX D . 8.23 -10.78 -15.57
N1 IKX D . 8.59 -10.22 -14.45
C3 IKX D . 8.88 -11.86 -16.10
C4 IKX D . 10.00 -12.31 -15.43
C5 IKX D . 10.38 -11.67 -14.24
C6 IKX D . 9.64 -10.59 -13.79
C7 IKX D . 9.92 -9.83 -12.52
O4 IKX D . 9.29 -8.90 -12.13
O3 IKX D . 10.90 -10.15 -11.81
N2 IKX D . 10.68 -13.41 -15.97
C8 IKX D . 12.00 -13.78 -15.93
C9 IKX D . 12.08 -14.87 -16.63
C10 IKX D . 13.23 -15.73 -16.98
N4 IKX D . 10.80 -15.23 -17.04
C11 IKX D . 13.72 -16.76 -16.05
N3 IKX D . 9.99 -14.34 -16.67
O5 IKX D . 13.28 -16.75 -14.77
EU EU3 E . 7.27 -8.47 -13.45
#